data_3LTI
#
_entry.id   3LTI
#
_cell.length_a   106.314
_cell.length_b   52.039
_cell.length_c   61.826
_cell.angle_alpha   90.00
_cell.angle_beta   90.00
_cell.angle_gamma   90.00
#
_symmetry.space_group_name_H-M   'P 21 21 2'
#
loop_
_entity.id
_entity.type
_entity.pdbx_description
1 polymer 'DNA-directed RNA polymerase subunit beta'
2 water water
#
_entity_poly.entity_id   1
_entity_poly.type   'polypeptide(L)'
_entity_poly.pdbx_seq_one_letter_code
;GHP(MSE)SPGVFFDSDKGKTHSSGKVLYNARIIPYRGSWLDFEFDPKDNLFVRIDRRRKLPATIILRALNYTTEQILDL
FFEKVIFEIRDNKLQ(MSE)ELVPERLRGETASFDIEANG(MLY)VYVE(MLY)GRRITARHIRQLEKDDVKLIEVPVEY
IAG(MLY)VVA(MLY)DYIDESTGELICAAN(MSE)ELSLDLLA(MLY)LSQSGHKRIETLFTNDLDHGPYISETLRVDP
TNDRLSALVEIYR(MSE)(MSE)RPGEPPTREAAESLFENLFFSEDRYDLSAVGR(MSE)(MLY)FNRSLLREEIEGSGI
LS(MLY)DDIIDV(MSE)(MLY)(MLY)LIDIRNG(MLY)GEVD
;
_entity_poly.pdbx_strand_id   A
#
# COMPACT_ATOMS: atom_id res chain seq x y z
N MSE A 4 -14.53 6.03 27.71
CA MSE A 4 -14.67 6.24 26.23
C MSE A 4 -15.56 5.16 25.63
O MSE A 4 -15.36 3.96 25.89
CB MSE A 4 -13.31 6.21 25.55
CG MSE A 4 -12.35 7.32 25.98
SE MSE A 4 -12.71 9.02 25.09
CE MSE A 4 -10.88 9.75 25.10
N SER A 5 -16.54 5.57 24.81
CA SER A 5 -17.45 4.62 24.17
C SER A 5 -16.73 3.80 23.10
N PRO A 6 -17.05 2.49 22.99
CA PRO A 6 -16.41 1.70 21.96
C PRO A 6 -16.91 2.01 20.55
N GLY A 7 -16.04 1.78 19.57
CA GLY A 7 -16.35 2.01 18.16
C GLY A 7 -15.09 2.35 17.38
N VAL A 8 -15.29 2.96 16.21
CA VAL A 8 -14.19 3.45 15.39
C VAL A 8 -14.41 4.91 15.00
N PHE A 9 -13.32 5.66 14.95
CA PHE A 9 -13.38 7.11 14.82
C PHE A 9 -12.33 7.56 13.82
N PHE A 10 -12.72 8.48 12.95
CA PHE A 10 -11.83 9.08 11.96
C PHE A 10 -11.88 10.57 12.19
N ASP A 11 -10.74 11.15 12.50
CA ASP A 11 -10.65 12.56 12.90
C ASP A 11 -9.40 13.17 12.27
N SER A 12 -9.09 14.40 12.66
CA SER A 12 -7.85 15.04 12.25
C SER A 12 -7.41 16.02 13.32
N ASP A 13 -6.34 16.75 13.05
CA ASP A 13 -5.82 17.74 13.99
C ASP A 13 -6.19 19.15 13.53
N VAL A 23 -2.97 19.40 7.50
CA VAL A 23 -3.96 18.60 8.25
C VAL A 23 -3.54 17.13 8.34
N LEU A 24 -3.39 16.64 9.58
CA LEU A 24 -2.95 15.27 9.84
C LEU A 24 -4.16 14.43 10.23
N TYR A 25 -4.51 13.46 9.38
CA TYR A 25 -5.66 12.60 9.61
C TYR A 25 -5.32 11.39 10.49
N ASN A 26 -6.32 10.89 11.19
CA ASN A 26 -6.13 9.75 12.09
C ASN A 26 -7.38 8.88 12.19
N ALA A 27 -7.17 7.66 12.67
CA ALA A 27 -8.24 6.72 12.91
C ALA A 27 -7.94 6.04 14.24
N ARG A 28 -9.00 5.62 14.93
CA ARG A 28 -8.88 5.00 16.24
C ARG A 28 -9.96 3.96 16.45
N ILE A 29 -9.57 2.79 16.93
CA ILE A 29 -10.53 1.76 17.33
C ILE A 29 -10.46 1.61 18.85
N ILE A 30 -11.57 1.93 19.52
CA ILE A 30 -11.67 1.77 20.97
C ILE A 30 -12.56 0.56 21.25
N PRO A 31 -12.02 -0.45 21.94
CA PRO A 31 -12.86 -1.58 22.35
C PRO A 31 -13.47 -1.38 23.72
N TYR A 32 -14.40 -2.27 24.07
CA TYR A 32 -14.93 -2.35 25.42
C TYR A 32 -13.88 -2.91 26.39
N ARG A 33 -13.16 -3.94 25.95
CA ARG A 33 -12.05 -4.51 26.71
C ARG A 33 -10.88 -4.68 25.77
N GLY A 34 -9.68 -4.32 26.23
CA GLY A 34 -8.46 -4.54 25.48
C GLY A 34 -7.79 -3.27 24.99
N SER A 35 -6.76 -3.46 24.19
CA SER A 35 -5.89 -2.39 23.74
C SER A 35 -6.54 -1.55 22.65
N TRP A 36 -6.38 -0.24 22.76
CA TRP A 36 -6.71 0.67 21.67
C TRP A 36 -5.81 0.38 20.46
N LEU A 37 -6.32 0.71 19.28
CA LEU A 37 -5.53 0.69 18.06
C LEU A 37 -5.71 2.03 17.39
N ASP A 38 -4.61 2.75 17.20
CA ASP A 38 -4.62 4.09 16.55
C ASP A 38 -3.80 4.03 15.27
N PHE A 39 -4.25 4.76 14.25
CA PHE A 39 -3.45 5.02 13.06
C PHE A 39 -3.40 6.53 12.85
N GLU A 40 -2.28 7.04 12.36
CA GLU A 40 -2.17 8.48 12.11
C GLU A 40 -1.07 8.80 11.11
N PHE A 41 -1.31 9.80 10.28
CA PHE A 41 -0.29 10.33 9.37
C PHE A 41 0.64 11.28 10.12
N ASP A 42 1.91 11.32 9.69
CA ASP A 42 2.83 12.37 10.11
C ASP A 42 2.90 13.42 8.99
N PRO A 43 3.61 14.55 9.22
CA PRO A 43 3.67 15.61 8.21
C PRO A 43 4.28 15.23 6.84
N LYS A 44 5.08 14.15 6.82
CA LYS A 44 5.66 13.63 5.57
C LYS A 44 4.73 12.62 4.86
N ASP A 45 3.53 12.42 5.39
CA ASP A 45 2.50 11.52 4.83
C ASP A 45 2.80 10.04 5.04
N ASN A 46 3.76 9.72 5.91
CA ASN A 46 3.95 8.34 6.35
C ASN A 46 2.89 7.99 7.37
N LEU A 47 2.55 6.70 7.44
CA LEU A 47 1.45 6.23 8.28
C LEU A 47 2.02 5.43 9.46
N PHE A 48 1.49 5.71 10.65
CA PHE A 48 1.96 5.08 11.89
C PHE A 48 0.81 4.45 12.65
N VAL A 49 1.12 3.40 13.40
CA VAL A 49 0.17 2.74 14.27
C VAL A 49 0.62 2.88 15.74
N ARG A 50 -0.35 3.01 16.64
CA ARG A 50 -0.12 2.87 18.07
C ARG A 50 -0.96 1.71 18.58
N ILE A 51 -0.34 0.86 19.38
CA ILE A 51 -1.02 -0.21 20.09
C ILE A 51 -1.06 0.18 21.55
N ASP A 52 -2.25 0.16 22.16
CA ASP A 52 -2.40 0.50 23.58
C ASP A 52 -1.89 1.93 23.89
N ARG A 53 -2.04 2.84 22.92
CA ARG A 53 -1.60 4.23 23.07
C ARG A 53 -0.09 4.37 23.30
N ARG A 54 0.68 3.37 22.89
CA ARG A 54 2.13 3.39 23.05
C ARG A 54 2.78 4.13 21.87
N ARG A 55 4.10 4.08 21.77
CA ARG A 55 4.81 4.88 20.79
C ARG A 55 4.45 4.50 19.34
N LYS A 56 4.53 5.47 18.44
CA LYS A 56 4.21 5.26 17.03
C LYS A 56 5.19 4.28 16.39
N LEU A 57 4.66 3.30 15.66
CA LEU A 57 5.44 2.41 14.81
C LEU A 57 4.95 2.58 13.36
N PRO A 58 5.86 2.63 12.38
CA PRO A 58 5.39 2.66 10.98
C PRO A 58 4.34 1.56 10.75
N ALA A 59 3.20 1.94 10.17
CA ALA A 59 1.94 1.16 10.27
C ALA A 59 1.96 -0.19 9.59
N THR A 60 2.84 -0.36 8.61
CA THR A 60 2.96 -1.62 7.90
C THR A 60 3.40 -2.79 8.80
N ILE A 61 4.01 -2.49 9.94
CA ILE A 61 4.37 -3.51 10.93
C ILE A 61 3.17 -4.41 11.30
N ILE A 62 1.98 -3.84 11.44
CA ILE A 62 0.83 -4.63 11.85
C ILE A 62 0.37 -5.57 10.73
N LEU A 63 0.55 -5.15 9.48
CA LEU A 63 0.23 -6.00 8.32
C LEU A 63 1.22 -7.14 8.18
N ARG A 64 2.51 -6.86 8.41
CA ARG A 64 3.51 -7.91 8.40
C ARG A 64 3.18 -8.93 9.47
N ALA A 65 2.84 -8.44 10.67
CA ALA A 65 2.46 -9.30 11.79
C ALA A 65 1.24 -10.18 11.47
N LEU A 66 0.37 -9.68 10.62
CA LEU A 66 -0.80 -10.43 10.17
C LEU A 66 -0.50 -11.33 8.95
N ASN A 67 0.76 -11.47 8.65
CA ASN A 67 1.24 -12.38 7.62
C ASN A 67 1.19 -11.94 6.16
N TYR A 68 1.14 -10.64 5.94
CA TYR A 68 1.24 -10.10 4.61
C TYR A 68 2.70 -9.79 4.20
N THR A 69 3.11 -10.28 3.05
CA THR A 69 4.44 -9.97 2.53
C THR A 69 4.44 -8.56 1.98
N THR A 70 5.62 -8.00 1.73
CA THR A 70 5.74 -6.68 1.13
C THR A 70 4.92 -6.60 -0.18
N GLU A 71 5.03 -7.64 -1.01
CA GLU A 71 4.30 -7.69 -2.28
C GLU A 71 2.79 -7.64 -2.06
N GLN A 72 2.31 -8.43 -1.11
CA GLN A 72 0.88 -8.43 -0.77
C GLN A 72 0.42 -7.08 -0.24
N ILE A 73 1.24 -6.44 0.59
CA ILE A 73 0.93 -5.12 1.12
C ILE A 73 0.79 -4.12 -0.01
N LEU A 74 1.73 -4.14 -0.95
CA LEU A 74 1.64 -3.24 -2.10
C LEU A 74 0.40 -3.52 -2.95
N ASP A 75 0.02 -4.80 -3.08
CA ASP A 75 -1.16 -5.12 -3.88
CA ASP A 75 -1.18 -5.18 -3.85
C ASP A 75 -2.47 -4.69 -3.20
N LEU A 76 -2.50 -4.68 -1.86
CA LEU A 76 -3.69 -4.20 -1.14
C LEU A 76 -3.93 -2.72 -1.42
N PHE A 77 -2.85 -1.95 -1.48
CA PHE A 77 -2.94 -0.49 -1.46
C PHE A 77 -2.65 0.24 -2.79
N PHE A 78 -2.24 -0.47 -3.83
CA PHE A 78 -1.95 0.16 -5.12
C PHE A 78 -2.39 -0.61 -6.35
N GLU A 79 -2.80 0.15 -7.36
CA GLU A 79 -2.95 -0.34 -8.73
CA GLU A 79 -2.95 -0.39 -8.71
C GLU A 79 -1.56 -0.45 -9.34
N LYS A 80 -1.45 -1.14 -10.47
CA LYS A 80 -0.15 -1.38 -11.10
C LYS A 80 -0.03 -0.78 -12.50
N VAL A 81 1.17 -0.28 -12.81
CA VAL A 81 1.54 0.09 -14.16
C VAL A 81 2.50 -1.01 -14.66
N ILE A 82 2.10 -1.70 -15.73
CA ILE A 82 2.85 -2.81 -16.28
C ILE A 82 3.67 -2.37 -17.48
N PHE A 83 4.96 -2.67 -17.44
CA PHE A 83 5.84 -2.41 -18.57
C PHE A 83 6.24 -3.72 -19.25
N GLU A 84 6.52 -3.64 -20.54
CA GLU A 84 6.90 -4.80 -21.33
C GLU A 84 8.25 -4.53 -21.96
N ILE A 85 9.13 -5.53 -21.91
CA ILE A 85 10.43 -5.46 -22.59
C ILE A 85 10.36 -6.39 -23.79
N ARG A 86 10.65 -5.88 -24.98
CA ARG A 86 10.48 -6.64 -26.22
C ARG A 86 11.06 -5.82 -27.35
N ASP A 87 11.60 -6.52 -28.37
CA ASP A 87 12.28 -5.87 -29.51
C ASP A 87 13.41 -4.95 -29.02
N ASN A 88 14.03 -5.34 -27.90
CA ASN A 88 14.96 -4.49 -27.16
C ASN A 88 14.49 -3.01 -26.94
N LYS A 89 13.17 -2.80 -27.01
CA LYS A 89 12.55 -1.52 -26.68
C LYS A 89 11.61 -1.73 -25.48
N LEU A 90 11.17 -0.62 -24.89
CA LEU A 90 10.34 -0.65 -23.70
C LEU A 90 8.95 -0.13 -24.02
N GLN A 91 7.95 -0.82 -23.51
CA GLN A 91 6.57 -0.41 -23.71
C GLN A 91 5.82 -0.40 -22.41
N MSE A 92 4.75 0.38 -22.36
CA MSE A 92 3.89 0.45 -21.19
C MSE A 92 2.48 0.06 -21.57
O MSE A 92 1.94 0.54 -22.56
CB MSE A 92 3.88 1.86 -20.62
CG MSE A 92 3.00 2.03 -19.39
SE MSE A 92 3.04 3.86 -18.74
CE MSE A 92 2.30 4.78 -20.28
N GLU A 93 1.87 -0.79 -20.76
CA GLU A 93 0.45 -1.10 -20.91
C GLU A 93 -0.30 0.14 -20.44
N LEU A 94 -0.98 0.80 -21.38
CA LEU A 94 -1.55 2.13 -21.16
C LEU A 94 -3.00 2.08 -20.70
N VAL A 95 -3.28 2.79 -19.60
CA VAL A 95 -4.64 3.16 -19.22
C VAL A 95 -4.70 4.68 -19.44
N PRO A 96 -5.38 5.12 -20.52
CA PRO A 96 -5.27 6.55 -20.88
C PRO A 96 -5.63 7.56 -19.79
N GLU A 97 -6.64 7.25 -18.98
CA GLU A 97 -7.01 8.03 -17.78
C GLU A 97 -5.81 8.52 -16.98
N ARG A 98 -4.83 7.65 -16.82
CA ARG A 98 -3.65 7.94 -16.00
C ARG A 98 -2.83 9.11 -16.52
N LEU A 99 -2.99 9.48 -17.79
CA LEU A 99 -2.29 10.63 -18.38
C LEU A 99 -2.93 12.00 -18.06
N ARG A 100 -4.14 11.99 -17.50
CA ARG A 100 -4.89 13.22 -17.28
C ARG A 100 -4.08 14.22 -16.45
N GLY A 101 -4.04 15.47 -16.88
CA GLY A 101 -3.39 16.55 -16.13
C GLY A 101 -1.89 16.72 -16.39
N GLU A 102 -1.34 15.86 -17.25
CA GLU A 102 0.10 15.84 -17.53
C GLU A 102 0.45 16.51 -18.86
N THR A 103 1.75 16.76 -19.03
CA THR A 103 2.34 17.14 -20.31
C THR A 103 3.13 15.92 -20.80
N ALA A 104 3.07 15.63 -22.09
CA ALA A 104 3.81 14.50 -22.66
C ALA A 104 5.32 14.73 -22.57
N SER A 105 6.04 13.75 -22.03
CA SER A 105 7.50 13.80 -21.94
C SER A 105 8.17 12.98 -23.05
N PHE A 106 7.35 12.41 -23.93
CA PHE A 106 7.80 11.70 -25.10
C PHE A 106 6.63 11.62 -26.05
N ASP A 107 6.88 11.33 -27.32
CA ASP A 107 5.79 11.18 -28.28
C ASP A 107 4.94 9.98 -27.88
N ILE A 108 3.67 10.23 -27.60
CA ILE A 108 2.73 9.17 -27.28
C ILE A 108 2.13 8.69 -28.59
N GLU A 109 2.46 7.46 -28.98
CA GLU A 109 2.12 6.96 -30.31
C GLU A 109 1.79 5.47 -30.30
N ALA A 110 0.99 5.07 -31.28
CA ALA A 110 0.68 3.67 -31.51
C ALA A 110 0.19 3.47 -32.94
N ASN A 111 0.50 2.32 -33.52
CA ASN A 111 0.02 1.92 -34.83
C ASN A 111 0.32 2.97 -35.90
N GLY A 112 1.50 3.57 -35.83
CA GLY A 112 1.93 4.57 -36.81
C GLY A 112 1.35 5.97 -36.68
N MLY A 113 0.68 6.23 -35.55
CA MLY A 113 0.05 7.55 -35.31
CB MLY A 113 -1.46 7.37 -35.19
CG MLY A 113 -2.19 8.67 -34.88
CD MLY A 113 -3.67 8.61 -35.29
CE MLY A 113 -4.61 9.24 -34.27
NZ MLY A 113 -4.88 10.66 -34.52
CH1 MLY A 113 -5.84 10.81 -35.63
CH2 MLY A 113 -5.46 11.26 -33.31
C MLY A 113 0.56 8.14 -34.04
O MLY A 113 0.52 7.49 -33.00
N VAL A 114 1.03 9.38 -34.11
CA VAL A 114 1.34 10.16 -32.90
C VAL A 114 0.06 10.82 -32.37
N TYR A 115 -0.38 10.36 -31.20
CA TYR A 115 -1.56 10.90 -30.54
C TYR A 115 -1.25 12.18 -29.78
N VAL A 116 -0.11 12.21 -29.10
CA VAL A 116 0.34 13.40 -28.39
C VAL A 116 1.84 13.59 -28.62
N GLU A 117 2.20 14.71 -29.24
CA GLU A 117 3.60 15.08 -29.43
C GLU A 117 4.26 15.37 -28.10
N MLY A 118 5.54 15.01 -27.97
CA MLY A 118 6.32 15.39 -26.80
CB MLY A 118 7.79 15.07 -27.04
CG MLY A 118 8.71 15.43 -25.89
CD MLY A 118 10.09 14.85 -26.13
CE MLY A 118 11.07 15.15 -25.00
NZ MLY A 118 12.47 15.14 -25.46
CH1 MLY A 118 13.35 15.37 -24.32
CH2 MLY A 118 12.82 13.85 -26.08
C MLY A 118 6.17 16.87 -26.53
O MLY A 118 6.27 17.69 -27.45
N GLY A 119 5.90 17.22 -25.28
CA GLY A 119 5.77 18.63 -24.89
C GLY A 119 4.39 19.24 -25.00
N ARG A 120 3.43 18.49 -25.54
CA ARG A 120 2.03 18.92 -25.56
C ARG A 120 1.36 18.56 -24.25
N ARG A 121 0.49 19.44 -23.75
CA ARG A 121 -0.32 19.09 -22.61
C ARG A 121 -1.34 18.06 -23.06
N ILE A 122 -1.49 17.00 -22.28
CA ILE A 122 -2.42 15.94 -22.63
C ILE A 122 -3.83 16.40 -22.27
N THR A 123 -4.72 16.39 -23.27
CA THR A 123 -6.07 16.90 -23.12
C THR A 123 -7.09 15.77 -22.93
N ALA A 124 -8.28 16.13 -22.48
CA ALA A 124 -9.41 15.20 -22.43
C ALA A 124 -9.63 14.56 -23.81
N ARG A 125 -9.48 15.35 -24.87
CA ARG A 125 -9.61 14.86 -26.22
C ARG A 125 -8.54 13.82 -26.57
N HIS A 126 -7.28 14.06 -26.18
CA HIS A 126 -6.22 13.10 -26.43
C HIS A 126 -6.56 11.75 -25.80
N ILE A 127 -7.03 11.80 -24.55
CA ILE A 127 -7.37 10.60 -23.79
C ILE A 127 -8.49 9.86 -24.49
N ARG A 128 -9.50 10.60 -24.95
CA ARG A 128 -10.62 10.02 -25.69
C ARG A 128 -10.19 9.40 -27.02
N GLN A 129 -9.25 10.04 -27.70
CA GLN A 129 -8.73 9.51 -28.96
C GLN A 129 -8.01 8.18 -28.72
N LEU A 130 -7.18 8.12 -27.68
CA LEU A 130 -6.52 6.88 -27.30
C LEU A 130 -7.54 5.79 -26.94
N GLU A 131 -8.55 6.15 -26.17
CA GLU A 131 -9.59 5.22 -25.75
C GLU A 131 -10.44 4.71 -26.92
N LYS A 132 -10.80 5.63 -27.82
CA LYS A 132 -11.59 5.26 -29.00
C LYS A 132 -10.86 4.23 -29.87
N ASP A 133 -9.55 4.39 -30.03
CA ASP A 133 -8.76 3.47 -30.85
C ASP A 133 -8.22 2.25 -30.07
N ASP A 134 -8.69 2.05 -28.85
CA ASP A 134 -8.29 0.90 -28.02
C ASP A 134 -6.77 0.78 -27.88
N VAL A 135 -6.09 1.91 -27.72
CA VAL A 135 -4.64 1.88 -27.57
C VAL A 135 -4.35 1.44 -26.15
N LYS A 136 -3.67 0.30 -26.03
CA LYS A 136 -3.39 -0.30 -24.73
C LYS A 136 -1.90 -0.59 -24.52
N LEU A 137 -1.05 -0.15 -25.44
CA LEU A 137 0.39 -0.41 -25.38
C LEU A 137 1.13 0.68 -26.18
N ILE A 138 2.03 1.40 -25.51
CA ILE A 138 2.83 2.44 -26.17
C ILE A 138 4.29 2.34 -25.78
N GLU A 139 5.17 2.78 -26.67
CA GLU A 139 6.60 2.79 -26.38
C GLU A 139 6.93 3.91 -25.40
N VAL A 140 7.83 3.64 -24.47
CA VAL A 140 8.29 4.65 -23.52
C VAL A 140 9.82 4.63 -23.43
N PRO A 141 10.42 5.77 -23.05
CA PRO A 141 11.87 5.81 -22.88
C PRO A 141 12.28 5.20 -21.55
N VAL A 142 13.52 4.74 -21.46
CA VAL A 142 14.02 4.10 -20.24
C VAL A 142 13.94 5.03 -19.03
N GLU A 143 14.14 6.33 -19.26
CA GLU A 143 14.10 7.33 -18.18
C GLU A 143 12.74 7.44 -17.51
N TYR A 144 11.68 7.19 -18.28
CA TYR A 144 10.31 7.22 -17.78
C TYR A 144 10.04 6.10 -16.79
N ILE A 145 10.62 4.92 -17.04
CA ILE A 145 10.44 3.77 -16.16
C ILE A 145 11.35 3.91 -14.93
N ALA A 146 12.51 4.55 -15.11
CA ALA A 146 13.47 4.72 -14.02
C ALA A 146 12.88 5.49 -12.84
N GLY A 147 11.92 6.36 -13.09
CA GLY A 147 11.17 7.00 -11.99
C GLY A 147 10.45 6.05 -11.04
N MLY A 148 10.06 4.87 -11.53
CA MLY A 148 9.02 4.08 -10.89
CB MLY A 148 8.32 3.27 -11.97
CG MLY A 148 7.88 4.07 -13.19
CD MLY A 148 6.78 5.08 -12.87
CE MLY A 148 6.04 5.46 -14.13
NZ MLY A 148 4.77 6.10 -13.80
CH1 MLY A 148 4.99 7.54 -13.56
CH2 MLY A 148 3.84 5.95 -14.93
C MLY A 148 9.48 3.14 -9.80
O MLY A 148 10.66 2.81 -9.68
N VAL A 149 8.51 2.68 -9.01
CA VAL A 149 8.76 1.78 -7.89
C VAL A 149 8.27 0.39 -8.29
N VAL A 150 9.15 -0.60 -8.21
CA VAL A 150 8.81 -1.97 -8.62
C VAL A 150 7.90 -2.62 -7.58
N ALA A 151 6.91 -3.38 -8.03
CA ALA A 151 5.85 -3.91 -7.18
C ALA A 151 6.14 -5.32 -6.60
N MLY A 152 7.14 -6.01 -7.15
CA MLY A 152 7.48 -7.35 -6.71
CB MLY A 152 6.65 -8.43 -7.42
CG MLY A 152 6.62 -8.27 -8.92
CD MLY A 152 6.20 -9.48 -9.75
CE MLY A 152 5.17 -10.39 -9.12
NZ MLY A 152 4.47 -11.17 -10.17
CH1 MLY A 152 4.52 -12.61 -9.87
CH2 MLY A 152 3.08 -10.74 -10.27
C MLY A 152 8.94 -7.64 -6.89
O MLY A 152 9.63 -6.97 -7.67
N ASP A 153 9.42 -8.65 -6.17
CA ASP A 153 10.79 -9.13 -6.30
C ASP A 153 10.96 -9.69 -7.72
N TYR A 154 12.15 -9.54 -8.26
CA TYR A 154 12.55 -10.21 -9.51
C TYR A 154 13.91 -10.87 -9.34
N ILE A 155 13.99 -12.15 -9.70
CA ILE A 155 15.26 -12.87 -9.80
C ILE A 155 15.62 -13.05 -11.27
N ASP A 156 16.90 -13.22 -11.54
CA ASP A 156 17.33 -13.73 -12.83
C ASP A 156 16.96 -15.20 -12.80
N GLU A 157 16.05 -15.60 -13.68
CA GLU A 157 15.48 -16.95 -13.60
C GLU A 157 16.40 -18.05 -14.16
N SER A 158 17.56 -17.66 -14.70
CA SER A 158 18.64 -18.58 -15.06
C SER A 158 19.61 -18.79 -13.90
N THR A 159 20.12 -17.69 -13.36
CA THR A 159 21.11 -17.77 -12.28
C THR A 159 20.45 -17.94 -10.92
N GLY A 160 19.20 -17.52 -10.79
CA GLY A 160 18.46 -17.59 -9.53
C GLY A 160 18.75 -16.44 -8.57
N GLU A 161 19.63 -15.51 -8.98
CA GLU A 161 20.03 -14.43 -8.09
CA GLU A 161 20.06 -14.41 -8.12
C GLU A 161 19.08 -13.24 -8.19
N LEU A 162 18.81 -12.61 -7.05
CA LEU A 162 17.88 -11.49 -6.96
C LEU A 162 18.42 -10.29 -7.74
N ILE A 163 17.56 -9.67 -8.53
CA ILE A 163 17.88 -8.45 -9.26
C ILE A 163 17.39 -7.25 -8.46
N CYS A 164 16.12 -7.31 -8.05
CA CYS A 164 15.54 -6.26 -7.23
C CYS A 164 14.42 -6.81 -6.33
N ALA A 165 14.20 -6.11 -5.23
CA ALA A 165 13.15 -6.45 -4.28
C ALA A 165 11.94 -5.55 -4.45
N ALA A 166 10.80 -6.04 -4.02
CA ALA A 166 9.57 -5.27 -4.01
C ALA A 166 9.77 -3.94 -3.30
N ASN A 167 9.18 -2.90 -3.86
CA ASN A 167 9.18 -1.55 -3.33
C ASN A 167 10.48 -0.77 -3.58
N MSE A 168 11.44 -1.38 -4.25
CA MSE A 168 12.63 -0.67 -4.66
C MSE A 168 12.31 0.33 -5.77
O MSE A 168 11.51 0.05 -6.66
CB MSE A 168 13.72 -1.62 -5.15
CG MSE A 168 14.42 -2.33 -4.04
SE MSE A 168 16.04 -3.14 -4.69
CE MSE A 168 16.84 -3.63 -2.97
N GLU A 169 12.96 1.49 -5.68
CA GLU A 169 12.95 2.46 -6.76
C GLU A 169 13.84 1.95 -7.90
N LEU A 170 13.31 1.96 -9.12
CA LEU A 170 14.07 1.55 -10.29
C LEU A 170 15.13 2.58 -10.66
N SER A 171 16.11 2.13 -11.44
CA SER A 171 17.26 2.96 -11.83
C SER A 171 17.76 2.45 -13.17
N LEU A 172 18.63 3.22 -13.82
CA LEU A 172 19.20 2.79 -15.09
C LEU A 172 19.88 1.42 -14.95
N ASP A 173 20.62 1.24 -13.86
CA ASP A 173 21.30 -0.03 -13.58
C ASP A 173 20.30 -1.20 -13.45
N LEU A 174 19.28 -1.03 -12.63
CA LEU A 174 18.30 -2.10 -12.42
C LEU A 174 17.52 -2.38 -13.69
N LEU A 175 17.21 -1.36 -14.47
CA LEU A 175 16.51 -1.57 -15.74
C LEU A 175 17.39 -2.37 -16.72
N ALA A 176 18.68 -2.03 -16.77
CA ALA A 176 19.64 -2.76 -17.59
C ALA A 176 19.72 -4.23 -17.15
N MLY A 177 19.77 -4.46 -15.85
CA MLY A 177 19.83 -5.82 -15.30
CB MLY A 177 20.14 -5.78 -13.81
CG MLY A 177 21.61 -5.41 -13.58
CD MLY A 177 21.97 -5.11 -12.13
CE MLY A 177 23.49 -5.04 -11.97
NZ MLY A 177 23.88 -4.14 -10.88
CH1 MLY A 177 23.45 -4.67 -9.58
CH2 MLY A 177 25.35 -3.97 -10.89
C MLY A 177 18.57 -6.60 -15.60
O MLY A 177 18.63 -7.75 -16.03
N LEU A 178 17.41 -5.98 -15.40
CA LEU A 178 16.13 -6.63 -15.70
C LEU A 178 16.02 -7.03 -17.17
N SER A 179 16.41 -6.12 -18.05
CA SER A 179 16.44 -6.41 -19.49
C SER A 179 17.43 -7.52 -19.83
N GLN A 180 18.63 -7.45 -19.27
CA GLN A 180 19.68 -8.43 -19.54
C GLN A 180 19.27 -9.84 -19.11
N SER A 181 18.51 -9.92 -18.02
CA SER A 181 18.12 -11.21 -17.43
C SER A 181 17.03 -11.98 -18.20
N GLY A 182 16.40 -11.35 -19.18
CA GLY A 182 15.40 -12.01 -20.01
C GLY A 182 13.96 -11.79 -19.56
N HIS A 183 13.77 -10.95 -18.55
CA HIS A 183 12.42 -10.57 -18.11
C HIS A 183 11.73 -9.73 -19.19
N LYS A 184 10.45 -10.02 -19.41
CA LYS A 184 9.64 -9.35 -20.42
C LYS A 184 8.47 -8.54 -19.84
N ARG A 185 8.19 -8.71 -18.55
CA ARG A 185 7.21 -7.87 -17.84
C ARG A 185 7.85 -7.29 -16.58
N ILE A 186 7.56 -6.01 -16.32
CA ILE A 186 7.94 -5.37 -15.06
C ILE A 186 6.71 -4.67 -14.48
N GLU A 187 6.33 -5.06 -13.29
CA GLU A 187 5.19 -4.52 -12.60
C GLU A 187 5.65 -3.41 -11.65
N THR A 188 5.00 -2.25 -11.75
CA THR A 188 5.32 -1.09 -10.91
C THR A 188 4.06 -0.51 -10.27
N LEU A 189 4.24 0.36 -9.28
CA LEU A 189 3.12 0.96 -8.57
C LEU A 189 2.55 2.13 -9.35
N PHE A 190 1.23 2.24 -9.43
CA PHE A 190 0.61 3.47 -9.92
C PHE A 190 0.42 4.42 -8.75
N THR A 191 1.12 5.55 -8.77
CA THR A 191 0.92 6.61 -7.77
C THR A 191 0.92 7.98 -8.44
N ASN A 192 0.40 8.96 -7.72
CA ASN A 192 0.55 10.36 -8.10
C ASN A 192 0.70 11.25 -6.84
N ASP A 193 0.64 12.54 -7.02
CA ASP A 193 0.84 13.47 -5.93
C ASP A 193 -0.48 14.04 -5.41
N LEU A 194 -1.61 13.46 -5.82
CA LEU A 194 -2.93 13.92 -5.42
C LEU A 194 -3.86 12.89 -4.81
N ASP A 195 -4.54 12.16 -5.65
CA ASP A 195 -5.52 11.17 -5.19
C ASP A 195 -5.11 9.70 -5.10
N HIS A 196 -3.89 9.45 -5.51
CA HIS A 196 -3.31 8.12 -5.38
C HIS A 196 -1.89 8.22 -4.80
N GLY A 197 -1.80 8.81 -3.62
CA GLY A 197 -0.51 9.08 -2.99
C GLY A 197 0.22 7.81 -2.58
N PRO A 198 1.57 7.87 -2.53
CA PRO A 198 2.41 6.70 -2.27
C PRO A 198 2.63 6.37 -0.77
N TYR A 199 1.70 6.75 0.08
CA TYR A 199 1.90 6.70 1.54
C TYR A 199 2.40 5.35 2.04
N ILE A 200 1.76 4.28 1.60
CA ILE A 200 2.09 2.95 2.08
C ILE A 200 3.47 2.49 1.59
N SER A 201 3.82 2.82 0.35
CA SER A 201 5.15 2.56 -0.17
C SER A 201 6.24 3.27 0.63
N GLU A 202 6.03 4.54 0.92
CA GLU A 202 6.96 5.32 1.73
C GLU A 202 7.01 4.82 3.16
N THR A 203 5.87 4.38 3.69
CA THR A 203 5.80 3.82 5.05
C THR A 203 6.63 2.54 5.19
N LEU A 204 6.61 1.70 4.16
CA LEU A 204 7.46 0.50 4.13
C LEU A 204 8.94 0.85 4.28
N ARG A 205 9.36 1.99 3.74
CA ARG A 205 10.77 2.43 3.84
C ARG A 205 11.19 2.76 5.26
N VAL A 206 10.35 3.44 6.02
CA VAL A 206 10.68 3.79 7.40
C VAL A 206 10.44 2.62 8.37
N ASP A 207 9.55 1.71 8.02
CA ASP A 207 9.35 0.45 8.76
C ASP A 207 10.66 -0.35 8.82
N PRO A 208 11.24 -0.53 10.03
CA PRO A 208 12.49 -1.27 10.14
C PRO A 208 12.31 -2.78 10.05
N THR A 209 11.08 -3.26 10.14
CA THR A 209 10.81 -4.69 10.12
C THR A 209 10.73 -5.16 8.66
N ASN A 210 11.03 -6.43 8.42
CA ASN A 210 11.13 -6.95 7.06
CA ASN A 210 11.17 -6.98 7.08
C ASN A 210 10.28 -8.19 6.80
N ASP A 211 9.73 -8.80 7.85
CA ASP A 211 8.87 -9.98 7.68
C ASP A 211 7.97 -10.16 8.90
N ARG A 212 7.16 -11.21 8.89
CA ARG A 212 6.24 -11.43 9.98
C ARG A 212 6.95 -11.58 11.32
N LEU A 213 7.98 -12.42 11.36
CA LEU A 213 8.69 -12.65 12.62
C LEU A 213 9.32 -11.38 13.19
N SER A 214 10.02 -10.61 12.34
CA SER A 214 10.67 -9.38 12.81
C SER A 214 9.61 -8.36 13.27
N ALA A 215 8.46 -8.34 12.60
CA ALA A 215 7.34 -7.51 13.03
C ALA A 215 6.82 -7.93 14.42
N LEU A 216 6.58 -9.23 14.59
CA LEU A 216 6.13 -9.78 15.89
C LEU A 216 7.13 -9.49 17.01
N VAL A 217 8.42 -9.62 16.71
CA VAL A 217 9.48 -9.36 17.69
C VAL A 217 9.50 -7.89 18.09
N GLU A 218 9.35 -7.00 17.12
CA GLU A 218 9.33 -5.57 17.36
C GLU A 218 8.14 -5.16 18.21
N ILE A 219 6.97 -5.74 17.92
CA ILE A 219 5.77 -5.46 18.70
C ILE A 219 5.98 -5.95 20.13
N TYR A 220 6.54 -7.14 20.28
CA TYR A 220 6.81 -7.71 21.60
C TYR A 220 7.78 -6.84 22.42
N ARG A 221 8.87 -6.39 21.79
CA ARG A 221 9.85 -5.52 22.45
C ARG A 221 9.22 -4.24 22.96
N MSE A 222 8.31 -3.70 22.17
CA MSE A 222 7.60 -2.46 22.49
CA MSE A 222 7.64 -2.46 22.54
C MSE A 222 6.66 -2.64 23.69
O MSE A 222 6.55 -1.77 24.54
CB MSE A 222 6.83 -2.00 21.24
CB MSE A 222 6.90 -1.89 21.36
CG MSE A 222 6.04 -0.71 21.40
CG MSE A 222 6.22 -0.61 21.73
SE MSE A 222 4.19 -1.04 21.90
SE MSE A 222 5.17 -0.05 20.30
CE MSE A 222 3.71 -2.29 20.47
CE MSE A 222 3.92 -1.56 20.23
N MSE A 223 5.96 -3.78 23.73
CA MSE A 223 5.03 -4.07 24.83
C MSE A 223 5.76 -4.50 26.10
O MSE A 223 5.33 -4.20 27.20
CB MSE A 223 4.06 -5.18 24.42
CG MSE A 223 3.17 -4.86 23.23
SE MSE A 223 1.94 -3.43 23.63
CE MSE A 223 0.85 -4.32 24.98
N ARG A 224 6.86 -5.25 25.91
CA ARG A 224 7.56 -5.89 27.00
C ARG A 224 9.07 -5.71 26.87
N PRO A 225 9.53 -4.53 27.09
CA PRO A 225 10.94 -4.26 26.96
C PRO A 225 11.79 -5.09 27.94
N GLY A 226 12.91 -5.49 27.41
CA GLY A 226 13.96 -6.15 28.14
C GLY A 226 14.13 -7.63 28.25
N GLU A 227 13.27 -8.41 27.69
CA GLU A 227 13.60 -9.77 27.46
C GLU A 227 13.39 -10.08 25.96
N PRO A 228 14.36 -10.54 25.17
CA PRO A 228 14.02 -10.85 23.76
C PRO A 228 13.13 -12.06 23.79
N PRO A 229 12.16 -12.05 22.95
CA PRO A 229 11.12 -13.07 22.98
C PRO A 229 11.47 -14.29 22.16
N THR A 230 10.87 -15.41 22.53
CA THR A 230 10.86 -16.57 21.66
C THR A 230 9.85 -16.31 20.56
N ARG A 231 9.92 -17.08 19.48
CA ARG A 231 8.92 -16.98 18.42
C ARG A 231 7.51 -17.19 18.99
N GLU A 232 7.39 -18.17 19.86
CA GLU A 232 6.11 -18.57 20.42
C GLU A 232 5.53 -17.44 21.29
N ALA A 233 6.39 -16.81 22.08
CA ALA A 233 5.97 -15.72 22.95
C ALA A 233 5.51 -14.50 22.13
N ALA A 234 6.24 -14.18 21.07
CA ALA A 234 5.89 -13.06 20.20
C ALA A 234 4.56 -13.30 19.46
N GLU A 235 4.38 -14.50 18.92
CA GLU A 235 3.14 -14.86 18.25
C GLU A 235 1.95 -14.79 19.21
N SER A 236 2.13 -15.36 20.40
CA SER A 236 1.08 -15.43 21.40
C SER A 236 0.62 -14.05 21.84
N LEU A 237 1.59 -13.17 22.15
CA LEU A 237 1.29 -11.82 22.58
C LEU A 237 0.45 -11.08 21.52
N PHE A 238 0.82 -11.22 20.24
CA PHE A 238 0.10 -10.54 19.17
C PHE A 238 -1.32 -11.07 18.98
N GLU A 239 -1.49 -12.39 19.02
CA GLU A 239 -2.82 -13.00 18.93
C GLU A 239 -3.74 -12.50 20.03
N ASN A 240 -3.18 -12.31 21.23
CA ASN A 240 -3.96 -11.86 22.37
C ASN A 240 -4.24 -10.35 22.37
N LEU A 241 -3.53 -9.58 21.55
CA LEU A 241 -3.80 -8.14 21.50
C LEU A 241 -5.21 -7.83 20.97
N PHE A 242 -5.56 -8.41 19.81
CA PHE A 242 -6.83 -8.09 19.12
C PHE A 242 -7.64 -9.29 18.64
N PHE A 243 -7.13 -10.51 18.82
CA PHE A 243 -7.66 -11.68 18.12
C PHE A 243 -8.07 -12.83 19.04
N SER A 244 -8.28 -12.52 20.32
CA SER A 244 -8.73 -13.48 21.31
C SER A 244 -9.70 -12.78 22.26
N GLU A 245 -10.96 -13.23 22.29
CA GLU A 245 -12.00 -12.47 22.99
C GLU A 245 -11.84 -12.43 24.50
N ASP A 246 -11.06 -13.37 25.05
CA ASP A 246 -10.75 -13.30 26.48
C ASP A 246 -9.90 -12.08 26.83
N ARG A 247 -9.19 -11.53 25.85
CA ARG A 247 -8.32 -10.35 26.06
C ARG A 247 -8.75 -9.09 25.32
N TYR A 248 -9.61 -9.24 24.31
CA TYR A 248 -10.07 -8.13 23.49
C TYR A 248 -11.51 -8.33 23.06
N ASP A 249 -12.36 -7.43 23.41
CA ASP A 249 -13.74 -7.45 22.96
C ASP A 249 -14.31 -6.02 22.57
N LEU A 250 -14.87 -5.87 21.37
CA LEU A 250 -15.56 -4.65 20.95
C LEU A 250 -16.98 -4.43 21.39
N SER A 251 -17.49 -5.39 22.11
CA SER A 251 -18.79 -5.43 22.82
C SER A 251 -19.69 -5.45 21.65
N ALA A 252 -20.93 -5.83 21.83
CA ALA A 252 -21.81 -5.89 20.71
C ALA A 252 -22.08 -4.58 20.18
N VAL A 253 -22.27 -3.65 21.07
CA VAL A 253 -22.47 -2.24 20.67
C VAL A 253 -21.25 -1.72 19.88
N GLY A 254 -20.05 -2.06 20.31
CA GLY A 254 -18.84 -1.65 19.60
C GLY A 254 -18.75 -2.18 18.19
N ARG A 255 -19.07 -3.45 18.03
CA ARG A 255 -19.09 -4.08 16.71
C ARG A 255 -20.15 -3.43 15.81
N MSE A 256 -21.30 -3.11 16.39
CA MSE A 256 -22.39 -2.44 15.67
C MSE A 256 -21.91 -1.12 15.09
O MSE A 256 -22.08 -0.85 13.90
CB MSE A 256 -23.56 -2.21 16.63
CG MSE A 256 -24.75 -1.45 16.05
SE MSE A 256 -26.04 -1.04 17.47
CE MSE A 256 -24.97 0.23 18.52
N MLY A 257 -21.30 -0.30 15.94
CA MLY A 257 -20.81 1.01 15.54
CB MLY A 257 -20.38 1.78 16.80
CG MLY A 257 -21.58 2.07 17.68
CD MLY A 257 -21.39 3.26 18.59
CE MLY A 257 -22.59 3.35 19.54
NZ MLY A 257 -22.76 4.63 20.28
CH1 MLY A 257 -23.16 4.33 21.66
CH2 MLY A 257 -21.57 5.50 20.30
C MLY A 257 -19.70 0.90 14.53
O MLY A 257 -19.68 1.63 13.53
N PHE A 258 -18.78 -0.03 14.77
CA PHE A 258 -17.69 -0.28 13.84
C PHE A 258 -18.23 -0.60 12.45
N ASN A 259 -19.15 -1.55 12.40
CA ASN A 259 -19.69 -2.04 11.13
C ASN A 259 -20.46 -0.96 10.36
N ARG A 260 -21.20 -0.11 11.06
CA ARG A 260 -21.89 1.01 10.41
C ARG A 260 -20.89 1.99 9.82
N SER A 261 -19.82 2.29 10.53
CA SER A 261 -18.80 3.21 10.05
CA SER A 261 -18.80 3.21 10.05
C SER A 261 -18.10 2.68 8.79
N LEU A 262 -17.79 1.39 8.78
CA LEU A 262 -17.07 0.80 7.65
C LEU A 262 -18.01 0.26 6.55
N LEU A 263 -19.31 0.51 6.70
CA LEU A 263 -20.33 0.15 5.69
C LEU A 263 -20.50 -1.36 5.52
N ARG A 264 -20.49 -2.07 6.63
CA ARG A 264 -20.81 -3.49 6.62
C ARG A 264 -22.33 -3.59 6.57
N GLU A 265 -22.84 -4.62 5.91
CA GLU A 265 -24.30 -4.78 5.76
CA GLU A 265 -24.28 -4.83 5.76
C GLU A 265 -24.96 -5.19 7.08
N GLU A 266 -24.25 -5.96 7.91
CA GLU A 266 -24.78 -6.41 9.20
C GLU A 266 -24.12 -5.70 10.37
N ILE A 267 -24.86 -5.55 11.45
CA ILE A 267 -24.31 -4.99 12.70
C ILE A 267 -23.92 -6.09 13.70
N GLU A 268 -24.39 -7.31 13.45
CA GLU A 268 -23.86 -8.48 14.14
C GLU A 268 -22.43 -8.77 13.68
N GLY A 269 -21.65 -9.37 14.57
CA GLY A 269 -20.29 -9.77 14.23
C GLY A 269 -19.55 -10.17 15.49
N SER A 270 -18.24 -10.31 15.37
CA SER A 270 -17.42 -10.80 16.46
C SER A 270 -16.90 -9.67 17.36
N GLY A 271 -16.61 -10.01 18.60
CA GLY A 271 -15.97 -9.07 19.51
C GLY A 271 -14.52 -8.79 19.12
N ILE A 272 -13.83 -9.80 18.61
CA ILE A 272 -12.43 -9.63 18.17
C ILE A 272 -12.36 -8.96 16.80
N LEU A 273 -11.16 -8.43 16.49
CA LEU A 273 -10.89 -7.85 15.17
C LEU A 273 -10.47 -8.96 14.20
N SER A 274 -10.77 -8.73 12.93
CA SER A 274 -10.22 -9.50 11.83
C SER A 274 -9.16 -8.67 11.13
N MLY A 275 -8.33 -9.33 10.34
CA MLY A 275 -7.37 -8.62 9.50
CB MLY A 275 -6.37 -9.57 8.82
CG MLY A 275 -7.00 -10.60 7.89
CD MLY A 275 -5.95 -11.65 7.53
CE MLY A 275 -6.47 -12.52 6.39
NZ MLY A 275 -5.39 -13.42 5.93
CH1 MLY A 275 -5.53 -14.72 6.60
CH2 MLY A 275 -5.49 -13.56 4.47
C MLY A 275 -8.08 -7.70 8.55
O MLY A 275 -7.59 -6.61 8.28
N ASP A 276 -9.26 -8.10 8.07
CA ASP A 276 -10.07 -7.24 7.19
C ASP A 276 -10.54 -5.98 7.90
N ASP A 277 -10.94 -6.09 9.18
CA ASP A 277 -11.31 -4.92 9.96
C ASP A 277 -10.18 -3.90 9.98
N ILE A 278 -8.97 -4.38 10.25
CA ILE A 278 -7.79 -3.53 10.36
C ILE A 278 -7.42 -2.91 9.00
N ILE A 279 -7.33 -3.73 7.98
CA ILE A 279 -7.11 -3.26 6.60
C ILE A 279 -8.16 -2.22 6.17
N ASP A 280 -9.42 -2.48 6.46
CA ASP A 280 -10.51 -1.58 6.04
C ASP A 280 -10.41 -0.21 6.70
N VAL A 281 -9.99 -0.19 7.97
CA VAL A 281 -9.78 1.09 8.66
C VAL A 281 -8.62 1.85 8.02
N MSE A 282 -7.53 1.14 7.73
CA MSE A 282 -6.37 1.75 7.07
C MSE A 282 -6.75 2.29 5.70
O MSE A 282 -6.38 3.41 5.34
CB MSE A 282 -5.22 0.76 6.96
CG MSE A 282 -4.64 0.32 8.31
SE MSE A 282 -3.27 -1.06 8.11
CE MSE A 282 -1.91 0.07 7.28
N MLY A 283 -7.52 1.50 4.93
CA MLY A 283 -8.01 1.94 3.62
CB MLY A 283 -8.78 0.82 2.91
CG MLY A 283 -7.90 -0.28 2.32
CD MLY A 283 -8.77 -1.31 1.60
CE MLY A 283 -7.94 -2.46 1.03
NZ MLY A 283 -8.69 -3.20 0.00
CH1 MLY A 283 -7.79 -4.17 -0.64
CH2 MLY A 283 -9.82 -3.94 0.59
C MLY A 283 -8.88 3.16 3.70
O MLY A 283 -8.76 4.06 2.87
N MLY A 284 -9.78 3.23 4.68
CA MLY A 284 -10.65 4.40 4.82
CB MLY A 284 -11.73 4.12 5.87
CG MLY A 284 -12.68 5.30 6.03
CD MLY A 284 -14.02 4.89 6.63
CE MLY A 284 -14.87 6.14 6.89
NZ MLY A 284 -16.30 5.81 6.91
CH1 MLY A 284 -17.04 6.92 7.50
CH2 MLY A 284 -16.80 5.57 5.54
C MLY A 284 -9.85 5.62 5.19
O MLY A 284 -10.08 6.71 4.65
N LEU A 285 -8.88 5.46 6.09
CA LEU A 285 -8.02 6.57 6.50
C LEU A 285 -7.22 7.11 5.32
N ILE A 286 -6.70 6.20 4.50
CA ILE A 286 -5.97 6.57 3.29
C ILE A 286 -6.87 7.27 2.28
N ASP A 287 -8.10 6.77 2.10
CA ASP A 287 -9.10 7.42 1.25
C ASP A 287 -9.31 8.88 1.67
N ILE A 288 -9.48 9.09 2.97
CA ILE A 288 -9.68 10.44 3.51
C ILE A 288 -8.51 11.35 3.12
N ARG A 289 -7.29 10.89 3.35
CA ARG A 289 -6.08 11.64 2.94
C ARG A 289 -6.06 11.90 1.44
N ASN A 290 -6.37 10.89 0.63
CA ASN A 290 -6.45 11.05 -0.83
C ASN A 290 -7.60 11.96 -1.30
N GLY A 291 -8.53 12.28 -0.41
CA GLY A 291 -9.58 13.24 -0.70
C GLY A 291 -10.90 12.62 -1.11
N MLY A 292 -10.97 11.28 -1.16
CA MLY A 292 -12.25 10.59 -1.37
CB MLY A 292 -12.06 9.38 -2.30
CG MLY A 292 -11.90 8.00 -1.66
CD MLY A 292 -11.87 6.90 -2.71
CE MLY A 292 -13.25 6.25 -2.94
NZ MLY A 292 -13.14 4.83 -3.35
CH1 MLY A 292 -12.07 4.63 -4.35
CH2 MLY A 292 -12.94 3.96 -2.19
C MLY A 292 -12.93 10.33 -0.03
O MLY A 292 -12.48 9.51 0.77
N GLY A 293 -14.00 11.07 0.23
CA GLY A 293 -14.67 11.03 1.53
C GLY A 293 -13.97 11.88 2.58
N GLU A 294 -14.58 11.96 3.76
CA GLU A 294 -14.16 12.88 4.80
C GLU A 294 -14.16 12.23 6.18
N VAL A 295 -13.64 12.95 7.17
CA VAL A 295 -13.65 12.50 8.57
C VAL A 295 -15.08 12.49 9.10
N ASP A 296 -15.26 12.01 10.34
CA ASP A 296 -16.60 11.88 10.93
C ASP A 296 -17.30 13.23 11.13
#